data_7Q3Q
#
_entry.id   7Q3Q
#
_cell.length_a   62.451
_cell.length_b   62.451
_cell.length_c   218.525
_cell.angle_alpha   90.000
_cell.angle_beta   90.000
_cell.angle_gamma   90.000
#
_symmetry.space_group_name_H-M   'P 43 21 2'
#
loop_
_entity.id
_entity.type
_entity.pdbx_description
1 polymer VHH-12
2 polymer 'Spike glycoprotein'
3 branched 2-acetamido-2-deoxy-beta-D-glucopyranose-(1-4)-2-acetamido-2-deoxy-beta-D-glucopyranose
4 non-polymer 'CHLORIDE ION'
5 non-polymer GLYCEROL
6 non-polymer 'SULFATE ION'
7 water water
#
loop_
_entity_poly.entity_id
_entity_poly.type
_entity_poly.pdbx_seq_one_letter_code
_entity_poly.pdbx_strand_id
1 'polypeptide(L)'
;AMAEVQLQASGGGLVEAGGSLRLSCTTSGLTFSSVTMGWFRQAPGKEREFVAAIRWKFGNLGYADSVKGRFTVSRDNAKN
TVYLQMNSLKPEDTAVYYCAAARVGEIIAVLISPSNYAYWGQGTQVTVSSAAAHHHHHHHH
;
B
2 'polypeptide(L)'
;NITNLCPFGEVFNATRFASVYAWNRKRISNCVADYSFLYNSASFSTFKCYGVSPTKLNDLCFTNVYADSFVIRGDEVRQI
APGQTGKIADYNYKLPDDFTGCVIAWNSNNLDSKVGGNYNYLYRLFRKSNLKPFERDISTEIYQAGSTPCNGVEGFNCYF
PLQSYGFQPTNGVGYQPYRVVVLSFELLHAPATVCGPK
;
A
#
loop_
_chem_comp.id
_chem_comp.type
_chem_comp.name
_chem_comp.formula
CL non-polymer 'CHLORIDE ION' 'Cl -1'
GOL non-polymer GLYCEROL 'C3 H8 O3'
NAG D-saccharide, beta linking 2-acetamido-2-deoxy-beta-D-glucopyranose 'C8 H15 N O6'
SO4 non-polymer 'SULFATE ION' 'O4 S -2'
#
# COMPACT_ATOMS: atom_id res chain seq x y z
N GLU A 4 -14.63 20.12 -5.76
CA GLU A 4 -15.84 19.76 -6.48
C GLU A 4 -16.31 18.35 -6.12
N VAL A 5 -15.58 17.69 -5.23
CA VAL A 5 -16.02 16.41 -4.69
C VAL A 5 -17.01 16.67 -3.56
N GLN A 6 -18.18 16.05 -3.64
CA GLN A 6 -19.26 16.31 -2.70
C GLN A 6 -19.86 15.00 -2.21
N LEU A 7 -20.17 14.95 -0.91
CA LEU A 7 -20.83 13.83 -0.28
C LEU A 7 -22.17 14.30 0.27
N GLN A 8 -23.26 13.67 -0.16
CA GLN A 8 -24.60 14.04 0.27
C GLN A 8 -25.24 12.86 0.99
N ALA A 9 -25.63 13.08 2.24
CA ALA A 9 -26.22 12.03 3.06
C ALA A 9 -27.73 12.21 3.15
N SER A 10 -28.42 11.09 3.34
CA SER A 10 -29.84 11.08 3.63
C SER A 10 -30.12 10.05 4.71
N GLY A 11 -31.27 10.21 5.37
CA GLY A 11 -31.67 9.34 6.46
C GLY A 11 -31.44 10.00 7.81
N GLY A 12 -31.71 9.23 8.86
CA GLY A 12 -31.46 9.67 10.22
C GLY A 12 -32.71 10.22 10.90
N GLY A 13 -32.49 10.85 12.06
CA GLY A 13 -33.57 11.47 12.80
C GLY A 13 -33.73 10.86 14.18
N LEU A 14 -34.97 10.88 14.68
CA LEU A 14 -35.29 10.47 16.04
C LEU A 14 -35.99 9.12 16.04
N VAL A 15 -35.52 8.21 16.89
CA VAL A 15 -36.15 6.91 17.10
C VAL A 15 -36.11 6.59 18.59
N GLU A 16 -36.91 5.60 18.98
CA GLU A 16 -36.88 5.04 20.32
C GLU A 16 -35.92 3.87 20.39
N ALA A 17 -35.55 3.51 21.61
CA ALA A 17 -34.64 2.38 21.82
C ALA A 17 -35.25 1.11 21.24
N GLY A 18 -34.44 0.36 20.50
CA GLY A 18 -34.90 -0.82 19.79
C GLY A 18 -35.31 -0.59 18.35
N GLY A 19 -35.47 0.67 17.94
CA GLY A 19 -35.80 0.98 16.57
C GLY A 19 -34.61 0.83 15.65
N SER A 20 -34.79 1.31 14.43
CA SER A 20 -33.78 1.15 13.39
C SER A 20 -33.82 2.33 12.43
N LEU A 21 -32.73 2.50 11.70
CA LEU A 21 -32.59 3.56 10.71
C LEU A 21 -31.77 3.05 9.54
N ARG A 22 -31.77 3.81 8.45
CA ARG A 22 -30.89 3.54 7.32
C ARG A 22 -30.34 4.86 6.82
N LEU A 23 -29.02 5.01 6.89
CA LEU A 23 -28.33 6.16 6.32
C LEU A 23 -27.82 5.82 4.94
N SER A 24 -27.84 6.79 4.04
CA SER A 24 -27.24 6.65 2.72
C SER A 24 -26.34 7.84 2.45
N CYS A 25 -25.36 7.63 1.59
CA CYS A 25 -24.40 8.67 1.23
C CYS A 25 -24.01 8.50 -0.23
N THR A 26 -24.26 9.53 -1.03
CA THR A 26 -23.98 9.52 -2.45
C THR A 26 -22.90 10.54 -2.77
N THR A 27 -21.94 10.14 -3.60
CA THR A 27 -20.82 10.99 -3.95
C THR A 27 -21.01 11.59 -5.33
N SER A 28 -20.40 12.75 -5.54
CA SER A 28 -20.32 13.37 -6.85
C SER A 28 -18.91 13.92 -7.02
N GLY A 29 -18.36 13.76 -8.22
CA GLY A 29 -17.00 14.17 -8.49
C GLY A 29 -15.93 13.16 -8.16
N LEU A 30 -16.31 11.94 -7.80
CA LEU A 30 -15.37 10.88 -7.50
C LEU A 30 -15.67 9.64 -8.33
N THR A 31 -14.64 8.89 -8.65
CA THR A 31 -14.80 7.54 -9.19
C THR A 31 -15.14 6.64 -8.01
N PHE A 32 -16.44 6.49 -7.76
CA PHE A 32 -16.91 5.85 -6.52
C PHE A 32 -16.44 4.40 -6.45
N SER A 33 -16.39 3.71 -7.59
CA SER A 33 -16.06 2.29 -7.60
C SER A 33 -14.63 1.99 -7.18
N SER A 34 -13.77 3.00 -7.05
CA SER A 34 -12.39 2.81 -6.61
C SER A 34 -12.09 3.63 -5.36
N VAL A 35 -13.06 3.70 -4.44
CA VAL A 35 -12.92 4.50 -3.22
C VAL A 35 -13.51 3.70 -2.06
N THR A 36 -12.70 3.52 -1.01
CA THR A 36 -13.19 2.93 0.23
C THR A 36 -14.05 3.95 0.97
N MET A 37 -15.23 3.54 1.39
CA MET A 37 -16.17 4.44 2.07
C MET A 37 -16.29 4.08 3.54
N GLY A 38 -16.56 5.09 4.36
CA GLY A 38 -16.65 4.88 5.79
C GLY A 38 -17.71 5.73 6.45
N TRP A 39 -18.07 5.33 7.66
CA TRP A 39 -19.00 6.02 8.53
C TRP A 39 -18.32 6.21 9.87
N PHE A 40 -18.31 7.45 10.35
CA PHE A 40 -17.87 7.82 11.69
C PHE A 40 -19.02 8.48 12.43
N ARG A 41 -18.83 8.71 13.73
CA ARG A 41 -19.85 9.43 14.49
C ARG A 41 -19.19 10.18 15.63
N GLN A 42 -19.86 11.26 16.04
CA GLN A 42 -19.38 12.10 17.13
C GLN A 42 -20.56 12.45 18.03
N ALA A 43 -20.45 12.09 19.29
CA ALA A 43 -21.43 12.45 20.31
C ALA A 43 -21.09 13.82 20.89
N PRO A 44 -22.08 14.55 21.40
CA PRO A 44 -21.79 15.88 21.96
C PRO A 44 -20.82 15.79 23.12
N GLY A 45 -19.74 16.58 23.05
CA GLY A 45 -18.71 16.58 24.05
C GLY A 45 -17.66 15.49 23.90
N LYS A 46 -17.97 14.40 23.21
CA LYS A 46 -17.02 13.32 23.04
C LYS A 46 -16.27 13.47 21.72
N GLU A 47 -15.35 12.54 21.46
CA GLU A 47 -14.51 12.60 20.27
C GLU A 47 -15.10 11.77 19.15
N ARG A 48 -14.77 12.15 17.91
CA ARG A 48 -15.22 11.40 16.74
C ARG A 48 -14.67 9.98 16.79
N GLU A 49 -15.54 9.01 16.52
CA GLU A 49 -15.20 7.60 16.62
C GLU A 49 -15.61 6.86 15.36
N PHE A 50 -14.91 5.76 15.08
CA PHE A 50 -15.19 4.96 13.89
C PHE A 50 -16.47 4.15 14.07
N VAL A 51 -17.22 3.99 12.99
CA VAL A 51 -18.43 3.17 13.01
C VAL A 51 -18.27 1.99 12.06
N ALA A 52 -18.14 2.26 10.77
CA ALA A 52 -18.11 1.18 9.81
C ALA A 52 -17.38 1.62 8.55
N ALA A 53 -17.03 0.65 7.70
CA ALA A 53 -16.35 0.96 6.45
C ALA A 53 -16.44 -0.23 5.50
N ILE A 54 -16.36 0.08 4.21
CA ILE A 54 -16.39 -0.93 3.16
C ILE A 54 -15.36 -0.57 2.10
N ARG A 55 -14.54 -1.54 1.72
CA ARG A 55 -13.44 -1.37 0.79
C ARG A 55 -13.94 -1.42 -0.65
N TRP A 56 -13.12 -0.90 -1.56
CA TRP A 56 -13.44 -0.91 -2.98
C TRP A 56 -12.74 -2.02 -3.76
N LYS A 57 -11.55 -2.44 -3.33
CA LYS A 57 -10.77 -3.43 -4.05
C LYS A 57 -10.71 -4.79 -3.36
N PHE A 58 -10.49 -4.82 -2.05
CA PHE A 58 -10.28 -6.07 -1.33
C PHE A 58 -11.50 -6.50 -0.51
N GLY A 59 -12.65 -5.83 -0.71
CA GLY A 59 -13.94 -6.35 -0.30
C GLY A 59 -14.21 -6.47 1.18
N ASN A 60 -13.21 -6.26 2.04
CA ASN A 60 -13.43 -6.44 3.47
C ASN A 60 -14.35 -5.37 4.03
N LEU A 61 -15.07 -5.73 5.09
CA LEU A 61 -15.87 -4.79 5.86
C LEU A 61 -15.19 -4.50 7.19
N GLY A 62 -15.49 -3.34 7.75
CA GLY A 62 -14.97 -2.98 9.05
C GLY A 62 -16.05 -2.40 9.95
N TYR A 63 -16.01 -2.74 11.23
CA TYR A 63 -17.02 -2.30 12.18
C TYR A 63 -16.39 -2.02 13.53
N ALA A 64 -16.87 -0.99 14.22
CA ALA A 64 -16.56 -0.84 15.63
C ALA A 64 -17.15 -2.00 16.41
N ASP A 65 -16.48 -2.38 17.49
CA ASP A 65 -16.95 -3.52 18.28
C ASP A 65 -18.32 -3.26 18.89
N SER A 66 -18.65 -2.00 19.18
CA SER A 66 -19.91 -1.69 19.84
C SER A 66 -21.12 -1.82 18.91
N VAL A 67 -20.91 -1.75 17.59
CA VAL A 67 -22.00 -1.83 16.63
C VAL A 67 -22.00 -3.13 15.86
N LYS A 68 -21.05 -4.03 16.12
CA LYS A 68 -20.98 -5.28 15.39
C LYS A 68 -22.20 -6.14 15.69
N GLY A 69 -22.81 -6.69 14.64
CA GLY A 69 -24.02 -7.46 14.75
C GLY A 69 -25.30 -6.65 14.65
N ARG A 70 -25.25 -5.35 14.92
CA ARG A 70 -26.42 -4.49 14.82
C ARG A 70 -26.41 -3.60 13.59
N PHE A 71 -25.23 -3.18 13.13
CA PHE A 71 -25.08 -2.33 11.97
C PHE A 71 -24.55 -3.13 10.79
N THR A 72 -24.94 -2.71 9.59
CA THR A 72 -24.51 -3.37 8.35
C THR A 72 -24.18 -2.30 7.32
N VAL A 73 -22.94 -2.30 6.84
CA VAL A 73 -22.51 -1.35 5.82
C VAL A 73 -22.55 -2.07 4.48
N SER A 74 -22.97 -1.34 3.44
CA SER A 74 -23.04 -1.91 2.10
C SER A 74 -22.83 -0.79 1.09
N ARG A 75 -22.71 -1.17 -0.19
CA ARG A 75 -22.50 -0.18 -1.22
C ARG A 75 -23.14 -0.63 -2.52
N ASP A 76 -23.62 0.35 -3.28
CA ASP A 76 -24.12 0.18 -4.64
C ASP A 76 -23.30 1.12 -5.52
N ASN A 77 -22.40 0.54 -6.31
CA ASN A 77 -21.53 1.34 -7.17
C ASN A 77 -22.31 1.99 -8.30
N ALA A 78 -23.30 1.28 -8.85
CA ALA A 78 -24.09 1.83 -9.94
C ALA A 78 -24.81 3.11 -9.53
N LYS A 79 -25.12 3.26 -8.24
CA LYS A 79 -25.78 4.45 -7.72
C LYS A 79 -24.82 5.34 -6.93
N ASN A 80 -23.53 5.03 -6.94
CA ASN A 80 -22.52 5.84 -6.25
C ASN A 80 -22.87 6.04 -4.78
N THR A 81 -23.43 5.00 -4.15
CA THR A 81 -24.02 5.18 -2.83
C THR A 81 -23.49 4.14 -1.86
N VAL A 82 -23.26 4.57 -0.63
CA VAL A 82 -22.91 3.68 0.48
C VAL A 82 -24.03 3.79 1.50
N TYR A 83 -24.34 2.66 2.16
CA TYR A 83 -25.46 2.54 3.06
C TYR A 83 -24.99 2.02 4.42
N LEU A 84 -25.67 2.49 5.47
CA LEU A 84 -25.47 2.02 6.83
C LEU A 84 -26.84 1.69 7.42
N GLN A 85 -27.14 0.41 7.56
CA GLN A 85 -28.35 -0.04 8.22
C GLN A 85 -28.08 -0.19 9.70
N MET A 86 -28.85 0.50 10.54
CA MET A 86 -28.63 0.56 11.98
C MET A 86 -29.84 -0.06 12.68
N ASN A 87 -29.71 -1.31 13.10
CA ASN A 87 -30.76 -2.02 13.81
C ASN A 87 -30.47 -2.07 15.31
N SER A 88 -31.51 -2.37 16.09
CA SER A 88 -31.40 -2.54 17.54
C SER A 88 -30.70 -1.36 18.19
N LEU A 89 -31.19 -0.16 17.88
CA LEU A 89 -30.50 1.06 18.31
C LEU A 89 -30.61 1.25 19.82
N LYS A 90 -29.50 1.64 20.43
CA LYS A 90 -29.38 1.94 21.84
C LYS A 90 -29.27 3.45 22.05
N PRO A 91 -29.58 3.94 23.26
CA PRO A 91 -29.38 5.38 23.51
C PRO A 91 -27.95 5.84 23.30
N GLU A 92 -26.96 4.97 23.53
CA GLU A 92 -25.56 5.36 23.34
C GLU A 92 -25.17 5.44 21.87
N ASP A 93 -26.09 5.23 20.93
CA ASP A 93 -25.83 5.44 19.52
C ASP A 93 -26.17 6.86 19.07
N THR A 94 -26.72 7.68 19.96
CA THR A 94 -27.05 9.06 19.65
C THR A 94 -25.78 9.85 19.32
N ALA A 95 -25.74 10.44 18.13
CA ALA A 95 -24.57 11.20 17.69
C ALA A 95 -24.85 11.83 16.33
N VAL A 96 -23.90 12.65 15.89
CA VAL A 96 -23.86 13.12 14.51
C VAL A 96 -23.03 12.12 13.71
N TYR A 97 -23.62 11.55 12.67
CA TYR A 97 -22.97 10.55 11.84
C TYR A 97 -22.42 11.21 10.58
N TYR A 98 -21.17 10.91 10.26
CA TYR A 98 -20.47 11.49 9.13
C TYR A 98 -20.08 10.40 8.14
N CYS A 99 -20.46 10.61 6.89
CA CYS A 99 -19.95 9.81 5.78
C CYS A 99 -18.59 10.34 5.36
N ALA A 100 -17.67 9.42 5.02
CA ALA A 100 -16.32 9.79 4.67
C ALA A 100 -15.82 8.91 3.55
N ALA A 101 -14.86 9.43 2.78
CA ALA A 101 -14.35 8.73 1.62
C ALA A 101 -12.83 8.87 1.55
N ALA A 102 -12.15 7.78 1.22
CA ALA A 102 -10.72 7.81 0.95
C ALA A 102 -10.52 8.26 -0.50
N ARG A 103 -9.27 8.27 -0.96
CA ARG A 103 -8.96 8.81 -2.26
C ARG A 103 -9.04 7.74 -3.35
N VAL A 104 -9.18 8.20 -4.60
CA VAL A 104 -9.40 7.30 -5.72
C VAL A 104 -8.21 6.38 -5.89
N GLY A 105 -8.44 5.08 -5.79
CA GLY A 105 -7.39 4.09 -5.95
C GLY A 105 -6.55 3.84 -4.72
N GLU A 106 -6.78 4.57 -3.62
CA GLU A 106 -5.96 4.45 -2.44
C GLU A 106 -6.32 3.20 -1.64
N ILE A 107 -5.30 2.43 -1.27
CA ILE A 107 -5.45 1.28 -0.39
C ILE A 107 -5.04 1.74 1.01
N ILE A 108 -6.02 1.91 1.90
CA ILE A 108 -5.74 2.30 3.28
C ILE A 108 -5.78 1.07 4.16
N ALA A 109 -4.73 0.88 4.96
CA ALA A 109 -4.60 -0.32 5.77
C ALA A 109 -5.52 -0.27 6.99
N VAL A 110 -5.52 0.86 7.71
CA VAL A 110 -6.23 1.00 8.97
C VAL A 110 -7.54 1.74 8.70
N LEU A 111 -8.66 1.01 8.74
CA LEU A 111 -9.95 1.62 8.42
C LEU A 111 -10.43 2.55 9.52
N ILE A 112 -9.98 2.34 10.76
CA ILE A 112 -10.51 3.10 11.88
C ILE A 112 -9.86 4.46 12.06
N SER A 113 -8.83 4.77 11.27
CA SER A 113 -8.10 6.03 11.42
C SER A 113 -8.77 7.11 10.61
N PRO A 114 -9.28 8.18 11.24
CA PRO A 114 -9.92 9.26 10.45
C PRO A 114 -9.00 9.90 9.44
N SER A 115 -7.70 9.95 9.71
CA SER A 115 -6.77 10.59 8.79
C SER A 115 -6.63 9.84 7.46
N ASN A 116 -7.17 8.62 7.36
CA ASN A 116 -7.14 7.89 6.11
C ASN A 116 -8.29 8.26 5.17
N TYR A 117 -9.11 9.24 5.53
CA TYR A 117 -10.23 9.68 4.71
C TYR A 117 -10.04 11.16 4.40
N ALA A 118 -10.21 11.52 3.12
CA ALA A 118 -9.92 12.87 2.66
C ALA A 118 -11.17 13.72 2.47
N TYR A 119 -12.33 13.11 2.23
CA TYR A 119 -13.57 13.83 1.98
C TYR A 119 -14.58 13.46 3.05
N TRP A 120 -15.26 14.47 3.60
CA TRP A 120 -16.18 14.28 4.70
C TRP A 120 -17.51 14.96 4.40
N GLY A 121 -18.60 14.25 4.67
CA GLY A 121 -19.93 14.83 4.53
C GLY A 121 -20.22 15.82 5.64
N GLN A 122 -21.42 16.39 5.57
CA GLN A 122 -21.81 17.44 6.50
C GLN A 122 -22.30 16.91 7.84
N GLY A 123 -22.79 15.69 7.89
CA GLY A 123 -23.22 15.12 9.15
C GLY A 123 -24.73 15.04 9.25
N THR A 124 -25.20 14.00 9.95
CA THR A 124 -26.63 13.74 10.11
C THR A 124 -26.92 13.39 11.56
N GLN A 125 -27.92 14.03 12.13
CA GLN A 125 -28.27 13.79 13.53
C GLN A 125 -29.03 12.47 13.68
N VAL A 126 -28.62 11.65 14.64
CA VAL A 126 -29.31 10.42 15.00
C VAL A 126 -29.53 10.44 16.50
N THR A 127 -30.78 10.44 16.93
CA THR A 127 -31.16 10.48 18.33
C THR A 127 -31.94 9.21 18.68
N VAL A 128 -31.55 8.58 19.78
CA VAL A 128 -32.24 7.41 20.32
C VAL A 128 -32.54 7.71 21.78
N SER A 129 -33.81 7.86 22.11
CA SER A 129 -34.22 8.26 23.45
C SER A 129 -34.70 7.07 24.27
N SER A 130 -34.50 7.18 25.58
CA SER A 130 -34.94 6.18 26.58
C SER A 130 -34.65 4.74 26.17
N ASN B 4 22.11 -11.80 -27.80
CA ASN B 4 23.55 -11.66 -27.61
C ASN B 4 23.87 -10.73 -26.46
N LEU B 5 23.24 -9.56 -26.44
CA LEU B 5 23.46 -8.57 -25.40
C LEU B 5 22.33 -8.64 -24.37
N CYS B 6 22.69 -8.52 -23.09
CA CYS B 6 21.73 -8.75 -22.02
C CYS B 6 20.64 -7.68 -22.04
N PRO B 7 19.37 -8.06 -21.82
CA PRO B 7 18.24 -7.11 -21.91
C PRO B 7 18.06 -6.30 -20.63
N PHE B 8 19.05 -5.47 -20.32
CA PHE B 8 18.92 -4.54 -19.20
C PHE B 8 17.91 -3.44 -19.48
N GLY B 9 17.61 -3.18 -20.76
CA GLY B 9 16.64 -2.14 -21.08
C GLY B 9 15.23 -2.51 -20.62
N GLU B 10 14.86 -3.79 -20.74
CA GLU B 10 13.57 -4.24 -20.25
C GLU B 10 13.45 -4.08 -18.74
N VAL B 11 14.56 -4.05 -18.02
CA VAL B 11 14.55 -3.94 -16.56
C VAL B 11 14.60 -2.47 -16.15
N PHE B 12 15.65 -1.76 -16.56
CA PHE B 12 15.87 -0.39 -16.10
C PHE B 12 14.93 0.59 -16.78
N ASN B 13 14.63 0.39 -18.06
CA ASN B 13 13.83 1.32 -18.83
C ASN B 13 12.38 0.86 -18.98
N ALA B 14 11.92 -0.05 -18.12
CA ALA B 14 10.53 -0.46 -18.16
C ALA B 14 9.61 0.69 -17.78
N THR B 15 8.50 0.82 -18.49
CA THR B 15 7.59 1.93 -18.21
C THR B 15 6.83 1.74 -16.90
N ARG B 16 6.59 0.49 -16.50
CA ARG B 16 5.88 0.19 -15.27
C ARG B 16 6.76 -0.64 -14.36
N PHE B 17 6.78 -0.27 -13.07
CA PHE B 17 7.52 -0.99 -12.04
C PHE B 17 6.54 -1.63 -11.06
N ALA B 18 7.01 -2.69 -10.42
CA ALA B 18 6.21 -3.44 -9.47
C ALA B 18 6.17 -2.73 -8.11
N SER B 19 5.12 -3.04 -7.34
CA SER B 19 5.11 -2.66 -5.94
C SER B 19 6.17 -3.46 -5.18
N VAL B 20 6.68 -2.87 -4.10
CA VAL B 20 7.80 -3.51 -3.38
C VAL B 20 7.36 -4.81 -2.72
N TYR B 21 6.11 -4.90 -2.26
CA TYR B 21 5.65 -6.14 -1.64
C TYR B 21 5.55 -7.27 -2.67
N ALA B 22 5.25 -6.93 -3.92
CA ALA B 22 5.20 -7.93 -4.99
C ALA B 22 6.35 -7.72 -5.95
N TRP B 23 7.56 -7.62 -5.42
CA TRP B 23 8.72 -7.24 -6.23
C TRP B 23 8.94 -8.22 -7.37
N ASN B 24 9.41 -7.68 -8.50
CA ASN B 24 9.60 -8.45 -9.71
C ASN B 24 11.04 -8.96 -9.80
N ARG B 25 11.18 -10.16 -10.36
CA ARG B 25 12.50 -10.75 -10.59
C ARG B 25 12.60 -11.18 -12.06
N LYS B 26 13.72 -10.83 -12.68
CA LYS B 26 14.03 -11.23 -14.05
C LYS B 26 15.37 -11.98 -14.04
N ARG B 27 15.38 -13.16 -14.62
CA ARG B 27 16.61 -13.94 -14.76
C ARG B 27 17.34 -13.50 -16.03
N ILE B 28 18.64 -13.28 -15.92
CA ILE B 28 19.47 -12.83 -17.03
C ILE B 28 20.57 -13.86 -17.24
N SER B 29 20.62 -14.43 -18.45
CA SER B 29 21.56 -15.50 -18.74
C SER B 29 21.81 -15.57 -20.23
N ASN B 30 22.96 -16.16 -20.58
CA ASN B 30 23.36 -16.41 -21.97
C ASN B 30 23.34 -15.12 -22.80
N CYS B 31 24.13 -14.15 -22.34
CA CYS B 31 24.18 -12.85 -23.00
C CYS B 31 25.44 -12.13 -22.54
N VAL B 32 25.73 -11.01 -23.20
CA VAL B 32 26.85 -10.15 -22.86
C VAL B 32 26.33 -8.96 -22.07
N ALA B 33 26.94 -8.71 -20.92
CA ALA B 33 26.52 -7.64 -20.01
C ALA B 33 27.47 -6.46 -20.15
N ASP B 34 26.94 -5.32 -20.57
CA ASP B 34 27.70 -4.08 -20.67
C ASP B 34 27.14 -3.11 -19.64
N TYR B 35 27.83 -2.98 -18.51
CA TYR B 35 27.37 -2.12 -17.42
C TYR B 35 27.78 -0.66 -17.60
N SER B 36 28.28 -0.29 -18.79
CA SER B 36 28.73 1.08 -19.00
C SER B 36 27.61 2.09 -18.83
N PHE B 37 26.35 1.67 -19.08
CA PHE B 37 25.22 2.57 -18.88
C PHE B 37 25.12 3.03 -17.43
N LEU B 38 25.69 2.28 -16.49
CA LEU B 38 25.69 2.70 -15.09
C LEU B 38 26.74 3.78 -14.83
N TYR B 39 27.82 3.80 -15.60
CA TYR B 39 28.86 4.81 -15.43
C TYR B 39 28.54 6.07 -16.22
N ASN B 40 28.22 5.93 -17.50
CA ASN B 40 27.94 7.08 -18.36
C ASN B 40 26.54 7.63 -18.11
N SER B 41 26.22 7.90 -16.85
CA SER B 41 24.89 8.38 -16.49
C SER B 41 24.97 9.10 -15.16
N ALA B 42 24.68 10.40 -15.17
CA ALA B 42 24.55 11.18 -13.93
C ALA B 42 23.14 11.18 -13.39
N SER B 43 22.35 10.14 -13.67
CA SER B 43 20.96 10.07 -13.27
C SER B 43 20.72 9.14 -12.09
N PHE B 44 21.60 8.17 -11.86
CA PHE B 44 21.41 7.23 -10.76
C PHE B 44 21.78 7.88 -9.44
N SER B 45 20.92 7.70 -8.44
CA SER B 45 21.13 8.27 -7.11
C SER B 45 21.88 7.32 -6.19
N THR B 46 21.76 6.01 -6.42
CA THR B 46 22.49 5.00 -5.67
C THR B 46 23.04 3.97 -6.64
N PHE B 47 24.33 3.67 -6.52
CA PHE B 47 24.97 2.63 -7.33
C PHE B 47 26.12 2.07 -6.49
N LYS B 48 25.83 1.04 -5.73
CA LYS B 48 26.80 0.42 -4.84
C LYS B 48 26.77 -1.09 -5.06
N CYS B 49 27.90 -1.75 -4.77
CA CYS B 49 28.01 -3.19 -4.93
C CYS B 49 28.58 -3.81 -3.66
N TYR B 50 28.26 -5.09 -3.46
CA TYR B 50 28.75 -5.87 -2.33
C TYR B 50 29.42 -7.12 -2.85
N GLY B 51 30.66 -7.36 -2.39
CA GLY B 51 31.41 -8.53 -2.82
C GLY B 51 32.14 -8.37 -4.14
N VAL B 52 31.88 -7.30 -4.88
CA VAL B 52 32.61 -7.01 -6.12
C VAL B 52 32.93 -5.52 -6.12
N SER B 53 33.86 -5.15 -6.99
CA SER B 53 34.22 -3.74 -7.17
C SER B 53 33.32 -3.13 -8.23
N PRO B 54 32.59 -2.05 -7.94
CA PRO B 54 31.60 -1.54 -8.90
C PRO B 54 32.20 -1.02 -10.20
N THR B 55 33.46 -0.57 -10.18
CA THR B 55 34.11 -0.08 -11.39
C THR B 55 34.70 -1.20 -12.24
N LYS B 56 34.62 -2.46 -11.80
CA LYS B 56 35.21 -3.58 -12.53
C LYS B 56 34.16 -4.55 -13.06
N LEU B 57 32.89 -4.14 -13.09
CA LEU B 57 31.82 -5.08 -13.43
C LEU B 57 31.99 -5.66 -14.83
N ASN B 58 32.51 -4.88 -15.78
CA ASN B 58 32.69 -5.38 -17.13
C ASN B 58 33.77 -6.46 -17.23
N ASP B 59 34.57 -6.65 -16.18
CA ASP B 59 35.62 -7.66 -16.17
C ASP B 59 35.17 -8.97 -15.52
N LEU B 60 33.89 -9.09 -15.17
CA LEU B 60 33.42 -10.21 -14.37
C LEU B 60 32.52 -11.12 -15.18
N CYS B 61 32.47 -12.39 -14.76
CA CYS B 61 31.62 -13.41 -15.36
C CYS B 61 30.82 -14.10 -14.27
N PHE B 62 29.57 -14.45 -14.58
CA PHE B 62 28.71 -15.13 -13.63
C PHE B 62 27.92 -16.21 -14.36
N THR B 63 27.46 -17.20 -13.59
CA THR B 63 26.59 -18.23 -14.16
C THR B 63 25.24 -17.64 -14.54
N ASN B 64 24.60 -16.94 -13.60
CA ASN B 64 23.33 -16.26 -13.84
C ASN B 64 23.34 -14.93 -13.10
N VAL B 65 22.53 -14.00 -13.60
CA VAL B 65 22.29 -12.72 -12.94
C VAL B 65 20.79 -12.56 -12.76
N TYR B 66 20.38 -12.14 -11.57
CA TYR B 66 18.97 -11.94 -11.25
C TYR B 66 18.75 -10.46 -10.94
N ALA B 67 17.80 -9.86 -11.63
CA ALA B 67 17.48 -8.45 -11.46
C ALA B 67 16.13 -8.32 -10.78
N ASP B 68 16.12 -7.76 -9.57
CA ASP B 68 14.90 -7.45 -8.84
C ASP B 68 14.60 -5.96 -8.92
N SER B 69 13.34 -5.62 -9.19
CA SER B 69 12.96 -4.22 -9.34
C SER B 69 11.63 -3.96 -8.65
N PHE B 70 11.50 -2.74 -8.12
CA PHE B 70 10.31 -2.31 -7.39
C PHE B 70 10.45 -0.80 -7.15
N VAL B 71 9.41 -0.22 -6.54
CA VAL B 71 9.40 1.20 -6.21
C VAL B 71 9.19 1.35 -4.70
N ILE B 72 10.00 2.23 -4.09
CA ILE B 72 9.85 2.65 -2.71
C ILE B 72 10.07 4.16 -2.68
N ARG B 73 9.95 4.75 -1.49
CA ARG B 73 10.24 6.17 -1.39
C ARG B 73 11.70 6.38 -0.98
N GLY B 74 12.20 7.59 -1.23
CA GLY B 74 13.62 7.86 -1.08
C GLY B 74 14.15 7.49 0.29
N ASP B 75 13.43 7.92 1.35
CA ASP B 75 13.84 7.64 2.73
C ASP B 75 14.08 6.16 2.99
N GLU B 76 13.58 5.28 2.13
CA GLU B 76 13.66 3.85 2.35
C GLU B 76 14.74 3.16 1.51
N VAL B 77 15.38 3.88 0.58
CA VAL B 77 16.41 3.26 -0.24
C VAL B 77 17.53 2.71 0.63
N ARG B 78 17.84 3.39 1.74
CA ARG B 78 18.88 2.93 2.64
C ARG B 78 18.59 1.57 3.23
N GLN B 79 17.32 1.13 3.24
CA GLN B 79 16.99 -0.19 3.76
C GLN B 79 17.30 -1.31 2.78
N ILE B 80 17.64 -1.00 1.53
CA ILE B 80 17.97 -2.03 0.54
C ILE B 80 19.47 -2.29 0.67
N ALA B 81 19.82 -3.02 1.73
CA ALA B 81 21.20 -3.35 2.04
C ALA B 81 21.19 -4.51 3.02
N PRO B 82 22.22 -5.37 3.00
CA PRO B 82 22.27 -6.47 3.97
C PRO B 82 22.36 -5.95 5.39
N GLY B 83 21.60 -6.58 6.28
CA GLY B 83 21.62 -6.24 7.69
C GLY B 83 20.79 -5.05 8.09
N GLN B 84 20.00 -4.50 7.17
CA GLN B 84 19.20 -3.33 7.50
C GLN B 84 17.90 -3.74 8.18
N THR B 85 17.21 -2.73 8.74
CA THR B 85 15.97 -2.94 9.46
C THR B 85 14.99 -1.84 9.08
N GLY B 86 13.72 -2.10 9.31
CA GLY B 86 12.64 -1.20 8.94
C GLY B 86 11.52 -1.93 8.23
N LYS B 87 10.48 -1.16 7.90
CA LYS B 87 9.29 -1.75 7.29
C LYS B 87 9.64 -2.48 6.00
N ILE B 88 10.45 -1.86 5.15
CA ILE B 88 10.76 -2.44 3.84
C ILE B 88 11.66 -3.66 4.00
N ALA B 89 12.76 -3.51 4.75
CA ALA B 89 13.71 -4.61 4.90
C ALA B 89 13.08 -5.80 5.63
N ASP B 90 12.18 -5.55 6.58
CA ASP B 90 11.61 -6.63 7.38
C ASP B 90 10.39 -7.27 6.72
N TYR B 91 9.51 -6.49 6.09
CA TYR B 91 8.22 -6.98 5.65
C TYR B 91 8.07 -7.07 4.13
N ASN B 92 9.01 -6.54 3.36
CA ASN B 92 8.79 -6.39 1.92
C ASN B 92 9.89 -7.00 1.08
N TYR B 93 11.15 -6.61 1.32
CA TYR B 93 12.26 -7.08 0.51
C TYR B 93 13.52 -7.08 1.38
N LYS B 94 14.07 -8.26 1.63
CA LYS B 94 15.23 -8.43 2.50
C LYS B 94 16.38 -9.06 1.74
N LEU B 95 17.60 -8.49 1.90
CA LEU B 95 18.83 -9.03 1.35
C LEU B 95 19.54 -9.92 2.37
N PRO B 96 20.19 -10.99 1.92
CA PRO B 96 20.97 -11.82 2.84
C PRO B 96 22.24 -11.12 3.28
N ASP B 97 22.79 -11.61 4.40
CA ASP B 97 24.04 -11.02 4.92
C ASP B 97 25.19 -11.23 3.96
N ASP B 98 25.23 -12.37 3.27
CA ASP B 98 26.29 -12.69 2.32
C ASP B 98 25.95 -12.23 0.90
N PHE B 99 25.19 -11.15 0.75
CA PHE B 99 24.75 -10.69 -0.56
C PHE B 99 25.94 -10.33 -1.44
N THR B 100 25.94 -10.87 -2.66
CA THR B 100 26.92 -10.53 -3.68
C THR B 100 26.16 -9.96 -4.87
N GLY B 101 26.37 -8.68 -5.15
CA GLY B 101 25.67 -8.01 -6.22
C GLY B 101 25.70 -6.51 -6.00
N CYS B 102 24.79 -5.81 -6.68
CA CYS B 102 24.76 -4.35 -6.66
C CYS B 102 23.34 -3.85 -6.42
N VAL B 103 23.26 -2.67 -5.82
CA VAL B 103 22.00 -1.99 -5.56
C VAL B 103 22.00 -0.68 -6.33
N ILE B 104 20.97 -0.46 -7.15
CA ILE B 104 20.87 0.69 -8.02
C ILE B 104 19.50 1.35 -7.80
N ALA B 105 19.49 2.68 -7.68
CA ALA B 105 18.24 3.40 -7.46
C ALA B 105 18.33 4.76 -8.14
N TRP B 106 17.15 5.32 -8.44
CA TRP B 106 17.09 6.65 -9.03
C TRP B 106 15.71 7.25 -8.78
N ASN B 107 15.68 8.58 -8.69
CA ASN B 107 14.43 9.30 -8.46
C ASN B 107 13.52 9.16 -9.69
N SER B 108 12.25 8.81 -9.44
CA SER B 108 11.28 8.61 -10.52
C SER B 108 10.04 9.46 -10.29
N ASN B 109 10.20 10.65 -9.69
CA ASN B 109 9.07 11.52 -9.41
C ASN B 109 8.34 11.91 -10.69
N ASN B 110 9.05 12.04 -11.80
CA ASN B 110 8.43 12.45 -13.06
C ASN B 110 7.58 11.35 -13.68
N LEU B 111 7.82 10.08 -13.33
CA LEU B 111 7.06 8.97 -13.89
C LEU B 111 6.03 8.40 -12.94
N ASP B 112 6.28 8.42 -11.64
CA ASP B 112 5.46 7.68 -10.68
C ASP B 112 4.65 8.57 -9.75
N SER B 113 4.75 9.89 -9.88
CA SER B 113 3.90 10.79 -9.12
C SER B 113 2.86 11.42 -10.04
N LYS B 114 1.72 11.76 -9.45
CA LYS B 114 0.60 12.31 -10.21
C LYS B 114 -0.01 13.44 -9.42
N VAL B 115 -0.48 14.47 -10.14
CA VAL B 115 -1.26 15.53 -9.50
C VAL B 115 -2.49 14.90 -8.86
N GLY B 116 -2.70 15.22 -7.58
CA GLY B 116 -3.69 14.53 -6.78
C GLY B 116 -3.18 13.29 -6.09
N GLY B 117 -2.09 12.71 -6.57
CA GLY B 117 -1.44 11.59 -5.93
C GLY B 117 -1.58 10.30 -6.73
N ASN B 118 -0.50 9.53 -6.79
CA ASN B 118 -0.52 8.17 -7.31
C ASN B 118 -0.47 7.22 -6.11
N TYR B 119 -1.47 6.35 -6.01
CA TYR B 119 -1.59 5.42 -4.88
C TYR B 119 -1.50 3.97 -5.33
N ASN B 120 -1.06 3.71 -6.57
CA ASN B 120 -1.01 2.35 -7.07
C ASN B 120 0.14 1.54 -6.49
N TYR B 121 1.20 2.20 -6.03
CA TYR B 121 2.31 1.49 -5.40
C TYR B 121 1.98 1.20 -3.95
N LEU B 122 2.11 -0.06 -3.55
CA LEU B 122 1.76 -0.51 -2.20
C LEU B 122 3.00 -1.04 -1.49
N TYR B 123 2.89 -1.10 -0.17
CA TYR B 123 3.89 -1.76 0.66
C TYR B 123 3.18 -2.46 1.81
N ARG B 124 3.79 -3.54 2.30
CA ARG B 124 3.20 -4.28 3.40
C ARG B 124 3.52 -3.58 4.71
N LEU B 125 2.48 -3.21 5.45
CA LEU B 125 2.65 -2.44 6.67
C LEU B 125 2.69 -3.31 7.92
N PHE B 126 1.95 -4.43 7.94
CA PHE B 126 1.90 -5.33 9.08
C PHE B 126 2.28 -6.74 8.65
N ARG B 127 2.99 -7.45 9.52
CA ARG B 127 3.31 -8.85 9.30
C ARG B 127 3.67 -9.47 10.65
N LYS B 128 3.44 -10.78 10.76
CA LYS B 128 3.68 -11.47 12.03
C LYS B 128 5.17 -11.71 12.29
N SER B 129 5.97 -11.84 11.24
CA SER B 129 7.40 -12.06 11.39
C SER B 129 8.12 -11.49 10.18
N ASN B 130 9.43 -11.36 10.30
CA ASN B 130 10.24 -10.82 9.22
C ASN B 130 10.37 -11.83 8.08
N LEU B 131 10.55 -11.32 6.87
CA LEU B 131 10.83 -12.19 5.73
C LEU B 131 12.23 -12.79 5.85
N LYS B 132 12.38 -13.96 5.25
CA LYS B 132 13.70 -14.49 5.00
C LYS B 132 14.32 -13.77 3.80
N PRO B 133 15.63 -13.85 3.61
CA PRO B 133 16.23 -13.20 2.45
C PRO B 133 15.62 -13.69 1.13
N PHE B 134 15.29 -12.73 0.26
CA PHE B 134 14.73 -13.00 -1.07
C PHE B 134 13.35 -13.66 -1.01
N GLU B 135 12.68 -13.60 0.13
CA GLU B 135 11.32 -14.10 0.24
C GLU B 135 10.33 -13.07 -0.29
N ARG B 136 9.26 -13.57 -0.93
N ARG B 136 9.27 -13.56 -0.94
CA ARG B 136 8.23 -12.72 -1.52
CA ARG B 136 8.23 -12.70 -1.52
C ARG B 136 6.88 -13.10 -0.92
C ARG B 136 6.89 -13.09 -0.92
N ASP B 137 6.21 -12.12 -0.30
CA ASP B 137 4.93 -12.33 0.35
C ASP B 137 3.89 -11.43 -0.30
N ILE B 138 2.90 -12.02 -0.96
CA ILE B 138 1.83 -11.28 -1.62
C ILE B 138 0.47 -11.62 -1.02
N SER B 139 0.44 -12.23 0.16
CA SER B 139 -0.83 -12.58 0.78
C SER B 139 -1.58 -11.32 1.23
N THR B 140 -2.89 -11.46 1.40
CA THR B 140 -3.76 -10.35 1.78
C THR B 140 -4.67 -10.76 2.93
N GLU B 141 -4.14 -11.52 3.88
CA GLU B 141 -4.90 -11.90 5.06
C GLU B 141 -5.03 -10.71 6.01
N ILE B 142 -6.17 -10.62 6.67
CA ILE B 142 -6.35 -9.62 7.71
C ILE B 142 -5.36 -9.88 8.83
N TYR B 143 -4.69 -8.82 9.27
CA TYR B 143 -3.67 -8.91 10.32
C TYR B 143 -4.33 -8.78 11.68
N GLN B 144 -4.15 -9.80 12.52
CA GLN B 144 -4.71 -9.81 13.88
C GLN B 144 -3.66 -9.26 14.83
N ALA B 145 -3.81 -7.99 15.20
CA ALA B 145 -2.82 -7.36 16.07
C ALA B 145 -2.99 -7.75 17.53
N GLY B 146 -4.22 -8.02 17.97
CA GLY B 146 -4.50 -8.37 19.33
C GLY B 146 -4.73 -9.85 19.53
N SER B 147 -5.47 -10.19 20.58
CA SER B 147 -5.74 -11.57 20.93
C SER B 147 -7.11 -12.06 20.47
N THR B 148 -7.99 -11.15 20.08
CA THR B 148 -9.33 -11.56 19.65
C THR B 148 -9.33 -11.82 18.16
N PRO B 149 -9.88 -12.95 17.71
CA PRO B 149 -9.94 -13.23 16.27
C PRO B 149 -10.78 -12.19 15.54
N CYS B 150 -10.45 -12.00 14.26
CA CYS B 150 -11.13 -10.97 13.46
C CYS B 150 -12.34 -11.52 12.72
N ASN B 151 -12.33 -12.81 12.38
CA ASN B 151 -13.47 -13.46 11.72
C ASN B 151 -13.83 -12.77 10.41
N GLY B 152 -12.81 -12.42 9.63
CA GLY B 152 -13.00 -11.81 8.32
C GLY B 152 -13.51 -10.39 8.33
N VAL B 153 -13.47 -9.71 9.47
CA VAL B 153 -13.96 -8.34 9.61
C VAL B 153 -12.85 -7.49 10.18
N GLU B 154 -12.66 -6.30 9.61
CA GLU B 154 -11.64 -5.39 10.09
C GLU B 154 -12.18 -4.49 11.19
N GLY B 155 -11.28 -3.80 11.86
CA GLY B 155 -11.65 -2.91 12.95
C GLY B 155 -10.45 -2.66 13.85
N PHE B 156 -10.74 -2.42 15.13
CA PHE B 156 -9.68 -2.24 16.11
C PHE B 156 -8.85 -3.51 16.24
N ASN B 157 -7.54 -3.38 16.08
CA ASN B 157 -6.59 -4.50 16.14
C ASN B 157 -6.83 -5.54 15.04
N CYS B 158 -7.53 -5.17 13.97
CA CYS B 158 -7.79 -6.06 12.84
C CYS B 158 -7.62 -5.21 11.58
N TYR B 159 -6.44 -5.30 10.96
CA TYR B 159 -6.05 -4.40 9.88
C TYR B 159 -5.78 -5.17 8.60
N PHE B 160 -5.97 -4.49 7.48
CA PHE B 160 -5.47 -4.99 6.20
C PHE B 160 -3.96 -4.74 6.13
N PRO B 161 -3.19 -5.69 5.57
CA PRO B 161 -1.72 -5.61 5.72
C PRO B 161 -1.03 -4.67 4.74
N LEU B 162 -1.66 -4.29 3.64
CA LEU B 162 -1.02 -3.45 2.63
C LEU B 162 -1.50 -2.01 2.75
N GLN B 163 -0.65 -1.10 2.25
CA GLN B 163 -0.91 0.33 2.36
C GLN B 163 -0.36 1.04 1.13
N SER B 164 -1.14 1.96 0.58
CA SER B 164 -0.71 2.72 -0.59
C SER B 164 0.33 3.76 -0.19
N TYR B 165 1.37 3.88 -1.04
CA TYR B 165 2.20 5.07 -0.99
C TYR B 165 1.41 6.27 -1.50
N GLY B 166 1.73 7.44 -0.96
CA GLY B 166 1.10 8.66 -1.44
C GLY B 166 2.10 9.53 -2.18
N PHE B 167 2.22 9.33 -3.49
CA PHE B 167 3.23 10.00 -4.29
C PHE B 167 2.59 11.21 -4.98
N GLN B 168 2.82 12.39 -4.42
CA GLN B 168 2.48 13.71 -4.94
C GLN B 168 3.72 14.36 -5.55
N PRO B 169 3.58 15.10 -6.65
CA PRO B 169 4.76 15.75 -7.25
C PRO B 169 5.45 16.72 -6.30
N THR B 170 4.70 17.36 -5.41
CA THR B 170 5.25 18.34 -4.47
C THR B 170 5.77 17.71 -3.18
N ASN B 171 5.84 16.38 -3.10
CA ASN B 171 6.38 15.73 -1.91
C ASN B 171 7.84 16.09 -1.74
N GLY B 172 8.28 16.10 -0.48
CA GLY B 172 9.71 16.19 -0.21
C GLY B 172 10.45 15.03 -0.85
N VAL B 173 11.72 15.28 -1.18
CA VAL B 173 12.51 14.30 -1.92
C VAL B 173 12.58 12.98 -1.17
N GLY B 174 12.52 13.03 0.16
CA GLY B 174 12.46 11.80 0.95
C GLY B 174 11.16 11.04 0.78
N TYR B 175 10.08 11.73 0.42
CA TYR B 175 8.78 11.08 0.21
C TYR B 175 8.47 10.87 -1.25
N GLN B 176 9.41 11.17 -2.15
CA GLN B 176 9.18 10.97 -3.57
C GLN B 176 9.51 9.53 -3.96
N PRO B 177 8.90 9.03 -5.04
CA PRO B 177 9.13 7.63 -5.43
C PRO B 177 10.50 7.43 -6.06
N TYR B 178 11.13 6.31 -5.73
CA TYR B 178 12.41 5.92 -6.31
C TYR B 178 12.29 4.53 -6.89
N ARG B 179 12.87 4.33 -8.08
CA ARG B 179 12.90 3.02 -8.70
C ARG B 179 14.22 2.35 -8.35
N VAL B 180 14.13 1.08 -7.94
CA VAL B 180 15.27 0.33 -7.42
C VAL B 180 15.48 -0.90 -8.29
N VAL B 181 16.75 -1.22 -8.55
CA VAL B 181 17.13 -2.46 -9.21
C VAL B 181 18.22 -3.13 -8.38
N VAL B 182 18.03 -4.38 -8.03
CA VAL B 182 19.00 -5.16 -7.26
C VAL B 182 19.49 -6.30 -8.13
N LEU B 183 20.79 -6.29 -8.44
CA LEU B 183 21.42 -7.33 -9.25
C LEU B 183 22.05 -8.36 -8.33
N SER B 184 21.67 -9.62 -8.49
CA SER B 184 22.24 -10.73 -7.75
C SER B 184 23.10 -11.57 -8.67
N PHE B 185 24.33 -11.86 -8.24
CA PHE B 185 25.29 -12.62 -9.03
C PHE B 185 25.39 -14.03 -8.46
N GLU B 186 25.19 -15.02 -9.32
CA GLU B 186 25.14 -16.42 -8.91
C GLU B 186 26.27 -17.19 -9.58
N LEU B 187 26.91 -18.08 -8.81
CA LEU B 187 27.96 -18.96 -9.31
C LEU B 187 27.52 -20.41 -9.11
N LEU B 188 27.55 -21.19 -10.18
CA LEU B 188 27.23 -22.61 -10.13
C LEU B 188 28.35 -23.40 -10.76
N HIS B 189 28.35 -24.71 -10.51
CA HIS B 189 29.32 -25.61 -11.12
C HIS B 189 29.01 -25.81 -12.60
N ALA B 190 28.99 -24.72 -13.35
CA ALA B 190 28.54 -24.72 -14.73
C ALA B 190 29.26 -23.59 -15.46
N PRO B 191 29.27 -23.61 -16.79
CA PRO B 191 29.91 -22.50 -17.51
C PRO B 191 29.21 -21.17 -17.25
N ALA B 192 30.00 -20.10 -17.31
CA ALA B 192 29.46 -18.76 -17.12
C ALA B 192 28.79 -18.30 -18.40
N THR B 193 27.57 -17.78 -18.27
CA THR B 193 26.79 -17.34 -19.42
C THR B 193 26.56 -15.83 -19.46
N VAL B 194 26.99 -15.10 -18.43
CA VAL B 194 26.85 -13.65 -18.39
C VAL B 194 28.23 -13.07 -18.14
N CYS B 195 28.91 -12.66 -19.20
CA CYS B 195 30.21 -12.02 -19.11
C CYS B 195 30.15 -10.63 -19.71
N GLY B 196 31.17 -9.84 -19.41
CA GLY B 196 31.29 -8.52 -19.97
C GLY B 196 31.88 -8.56 -21.36
N PRO B 197 32.13 -7.37 -21.93
CA PRO B 197 32.73 -7.24 -23.26
C PRO B 197 34.25 -7.35 -23.21
C1 NAG C . 17.53 3.54 -21.24
C2 NAG C . 18.88 2.89 -21.58
C3 NAG C . 19.97 3.94 -21.72
C4 NAG C . 19.56 5.04 -22.69
C5 NAG C . 18.19 5.60 -22.29
C6 NAG C . 17.65 6.63 -23.26
C7 NAG C . 19.47 0.63 -20.81
C8 NAG C . 19.84 -0.22 -19.62
N2 NAG C . 19.23 1.92 -20.55
O3 NAG C . 21.17 3.32 -22.17
O4 NAG C . 20.52 6.08 -22.66
O5 NAG C . 17.23 4.54 -22.22
O6 NAG C . 16.88 6.02 -24.29
O7 NAG C . 19.38 0.16 -21.93
C1 NAG C . 21.11 6.30 -23.96
C2 NAG C . 21.60 7.75 -24.02
C3 NAG C . 22.29 8.02 -25.36
C4 NAG C . 23.39 6.98 -25.60
C5 NAG C . 22.82 5.58 -25.49
C6 NAG C . 23.87 4.50 -25.62
C7 NAG C . 20.38 9.43 -22.71
C8 NAG C . 19.19 10.34 -22.66
N2 NAG C . 20.51 8.68 -23.81
O3 NAG C . 22.85 9.32 -25.34
O4 NAG C . 23.95 7.17 -26.91
O5 NAG C . 22.20 5.40 -24.21
O6 NAG C . 23.72 3.77 -26.83
O7 NAG C . 21.19 9.36 -21.79
CL CL D . -9.44 -1.73 -0.70
CL CL E . -22.26 13.16 6.34
C1 GOL F . 17.65 4.42 -15.92
O1 GOL F . 17.05 3.69 -16.93
C2 GOL F . 16.80 5.70 -15.72
O2 GOL F . 16.23 6.14 -16.91
C3 GOL F . 17.78 6.74 -15.13
O3 GOL F . 17.14 7.97 -15.17
C1 GOL G . 2.52 -2.22 -10.34
O1 GOL G . 2.24 -1.76 -11.63
C2 GOL G . 2.02 -1.13 -9.35
O2 GOL G . 2.08 0.14 -9.90
C3 GOL G . 0.57 -1.57 -8.99
O3 GOL G . 0.69 -2.75 -8.24
C1 GOL H . 21.70 -16.17 -6.17
O1 GOL H . 22.74 -15.45 -5.59
C2 GOL H . 20.41 -15.78 -5.41
O2 GOL H . 20.04 -14.46 -5.64
C3 GOL H . 19.34 -16.78 -5.90
O3 GOL H . 18.16 -16.48 -5.21
CL CL I . 3.50 8.13 1.64
S SO4 J . 2.78 1.24 -21.33
O1 SO4 J . 3.28 2.59 -21.56
O2 SO4 J . 3.29 0.75 -20.06
O3 SO4 J . 3.23 0.36 -22.40
O4 SO4 J . 1.33 1.25 -21.31
#